data_1YPG
#
_entry.id   1YPG
#
_cell.length_a   70.993
_cell.length_b   71.619
_cell.length_c   72.290
_cell.angle_alpha   90.00
_cell.angle_beta   100.60
_cell.angle_gamma   90.00
#
_symmetry.space_group_name_H-M   'C 1 2 1'
#
loop_
_entity.id
_entity.type
_entity.pdbx_description
1 polymer 'Thrombin light chain'
2 polymer 'Thrombin heavy chain'
3 polymer Hirudin
4 non-polymer (1R,3AS,4R,8AS,8BR)-4-(2-BENZO[1,3]DIOXOL-5-YL-1-CYCLOPROPYL-3-OXO-DECAHYDRO-PYRROLO[3,4-A]PYRROLIZIN-4-YL)-BENZAMIDINE
5 water water
#
loop_
_entity_poly.entity_id
_entity_poly.type
_entity_poly.pdbx_seq_one_letter_code
_entity_poly.pdbx_strand_id
1 'polypeptide(L)' ADCGLRPLFEKKSLEDKTERELLESYI L
2 'polypeptide(L)'
;IVEGSDAEIGMSPWQVMLFRKSPQELLCGASLISDRWVLTAAHCLLYPPWDKNFTENDLLVRIGKHSRTRYERNIEKISM
LEKIYIHPRYNWRENLDRDIALMKLKKPVAFSDYIHPVCLPDRETAASLLQAGYKGRVTGWGNLKETWTANVGKGQPSVL
QVVNLPIVERPVCKDSTRIRITDNMFCAGYKPDEGKRGDACEGDSGGPFVMKSPFNNRWYQMGIVSWGEGCDRDGKYGFY
THVFRLKKWIQKVIDQF
;
H
3 'polypeptide(L)' DFEEIPEE(TYS)L I
#
loop_
_chem_comp.id
_chem_comp.type
_chem_comp.name
_chem_comp.formula
UIR non-polymer (1R,3AS,4R,8AS,8BR)-4-(2-BENZO[1,3]DIOXOL-5-YL-1-CYCLOPROPYL-3-OXO-DECAHYDRO-PYRROLO[3,4-A]PYRROLIZIN-4-YL)-BENZAMIDINE 'C27 H30 N4 O3'
#
# COMPACT_ATOMS: atom_id res chain seq x y z
N ALA A 1 -17.42 -3.95 -5.33
CA ALA A 1 -18.87 -3.81 -5.44
C ALA A 1 -19.38 -2.78 -4.43
N ASP A 2 -19.11 -3.03 -3.17
CA ASP A 2 -19.08 -2.16 -2.02
C ASP A 2 -17.68 -1.53 -1.91
N CYS A 3 -16.78 -2.01 -2.78
CA CYS A 3 -15.37 -1.67 -2.64
C CYS A 3 -15.14 -0.18 -2.61
N GLY A 4 -14.13 0.32 -1.91
CA GLY A 4 -13.67 1.69 -2.08
C GLY A 4 -14.58 2.72 -1.46
N LEU A 5 -15.65 2.29 -0.79
CA LEU A 5 -16.58 3.14 -0.07
C LEU A 5 -16.40 2.91 1.43
N ARG A 6 -15.82 3.89 2.11
CA ARG A 6 -15.46 3.71 3.51
C ARG A 6 -16.67 3.88 4.44
N PRO A 7 -16.86 2.92 5.33
CA PRO A 7 -17.94 3.02 6.33
C PRO A 7 -17.95 4.35 7.07
N LEU A 8 -16.76 4.86 7.46
CA LEU A 8 -16.79 6.08 8.25
C LEU A 8 -16.70 7.36 7.47
N PHE A 9 -16.58 7.23 6.15
CA PHE A 9 -16.56 8.41 5.31
C PHE A 9 -17.59 8.33 4.18
N GLU A 10 -17.33 7.80 2.99
CA GLU A 10 -18.30 7.78 1.92
C GLU A 10 -19.66 7.20 2.33
N LYS A 11 -19.71 6.10 3.07
CA LYS A 11 -21.03 5.51 3.37
C LYS A 11 -21.90 6.44 4.19
N LYS A 12 -21.33 7.35 4.98
CA LYS A 12 -21.99 8.29 5.85
C LYS A 12 -21.88 9.73 5.34
N SER A 13 -21.38 9.90 4.14
CA SER A 13 -21.23 11.21 3.52
C SER A 13 -20.39 12.18 4.33
N LEU A 14 -19.32 11.67 4.94
CA LEU A 14 -18.32 12.51 5.58
C LEU A 14 -17.02 12.45 4.77
N GLU A 15 -16.34 13.57 4.71
CA GLU A 15 -15.07 13.66 4.01
C GLU A 15 -13.95 13.61 5.04
N ASP A 16 -12.83 13.06 4.61
CA ASP A 16 -11.66 13.07 5.50
C ASP A 16 -10.95 14.41 5.28
N LYS A 17 -9.97 14.69 6.12
CA LYS A 17 -9.42 16.03 6.14
C LYS A 17 -8.55 16.40 4.95
N THR A 18 -8.21 15.51 4.02
CA THR A 18 -7.40 15.99 2.90
C THR A 18 -7.82 15.37 1.58
N GLU A 19 -8.95 14.65 1.52
CA GLU A 19 -9.29 14.13 0.20
C GLU A 19 -9.54 15.25 -0.79
N ARG A 20 -9.93 16.43 -0.32
CA ARG A 20 -10.14 17.54 -1.25
C ARG A 20 -8.91 17.91 -2.05
N GLU A 21 -7.75 17.83 -1.43
CA GLU A 21 -6.47 18.05 -2.12
C GLU A 21 -6.36 17.15 -3.36
N LEU A 22 -6.72 15.87 -3.21
CA LEU A 22 -6.71 14.97 -4.36
C LEU A 22 -7.65 15.48 -5.44
N LEU A 23 -8.91 15.67 -5.05
CA LEU A 23 -9.92 16.11 -6.00
C LEU A 23 -9.49 17.35 -6.81
N GLU A 24 -8.83 18.27 -6.13
CA GLU A 24 -8.43 19.53 -6.77
C GLU A 24 -7.35 19.28 -7.79
N SER A 25 -6.64 18.15 -7.66
CA SER A 25 -5.56 17.93 -8.62
C SER A 25 -6.07 17.14 -9.81
N TYR A 26 -7.33 16.74 -9.74
CA TYR A 26 -7.93 15.93 -10.80
C TYR A 26 -8.56 16.89 -11.82
N ILE A 27 -7.75 17.29 -12.75
CA ILE A 27 -7.18 18.34 -13.57
C ILE A 27 -7.33 19.69 -12.88
N ILE B 1 6.38 6.45 6.64
CA ILE B 1 6.01 7.61 5.85
C ILE B 1 6.74 8.86 6.32
N VAL B 2 7.44 9.56 5.44
CA VAL B 2 8.13 10.79 5.84
C VAL B 2 7.32 12.03 5.48
N GLU B 3 7.21 12.94 6.44
CA GLU B 3 6.52 14.21 6.28
C GLU B 3 5.06 14.01 5.90
N GLY B 4 4.45 12.97 6.45
CA GLY B 4 3.00 12.80 6.29
C GLY B 4 2.30 13.25 7.56
N SER B 5 1.12 12.73 7.83
CA SER B 5 0.40 13.11 9.04
C SER B 5 -0.33 11.89 9.59
N ASP B 6 -0.84 12.04 10.81
CA ASP B 6 -1.62 10.97 11.41
C ASP B 6 -2.86 10.67 10.57
N ALA B 7 -3.19 9.42 10.35
CA ALA B 7 -4.46 9.08 9.69
C ALA B 7 -5.63 9.35 10.63
N GLU B 8 -6.79 9.59 10.02
CA GLU B 8 -8.04 9.65 10.77
C GLU B 8 -8.52 8.23 11.01
N ILE B 9 -9.29 8.00 12.06
CA ILE B 9 -9.85 6.67 12.25
C ILE B 9 -10.72 6.24 11.07
N GLY B 10 -10.50 5.03 10.55
CA GLY B 10 -11.27 4.52 9.43
C GLY B 10 -11.00 5.18 8.10
N MET B 11 -9.95 5.99 8.01
CA MET B 11 -9.52 6.63 6.78
C MET B 11 -9.02 5.67 5.70
N SER B 12 -8.48 4.53 6.09
CA SER B 12 -7.82 3.55 5.24
C SER B 12 -8.15 2.12 5.63
N PRO B 13 -9.43 1.79 5.54
CA PRO B 13 -9.88 0.54 6.15
C PRO B 13 -9.41 -0.71 5.42
N TRP B 14 -8.72 -0.51 4.29
CA TRP B 14 -8.17 -1.59 3.49
C TRP B 14 -6.71 -1.81 3.88
N GLN B 15 -6.22 -0.98 4.79
CA GLN B 15 -4.84 -1.05 5.21
C GLN B 15 -4.56 -2.39 5.87
N VAL B 16 -3.45 -3.00 5.49
CA VAL B 16 -3.10 -4.28 6.10
C VAL B 16 -1.66 -4.18 6.57
N MET B 17 -1.42 -4.70 7.79
CA MET B 17 -0.07 -4.81 8.33
C MET B 17 0.45 -6.22 8.17
N LEU B 18 1.53 -6.43 7.44
CA LEU B 18 2.20 -7.73 7.43
C LEU B 18 3.12 -7.77 8.66
N PHE B 19 2.82 -8.72 9.54
CA PHE B 19 3.47 -8.86 10.84
C PHE B 19 4.27 -10.13 10.94
N ARG B 20 5.54 -10.03 11.28
CA ARG B 20 6.32 -11.26 11.52
C ARG B 20 5.95 -11.90 12.85
N LYS B 21 5.86 -13.22 12.89
CA LYS B 21 5.60 -13.97 14.12
C LYS B 21 6.80 -13.90 15.06
N SER B 22 7.86 -14.65 14.76
CA SER B 22 9.05 -14.55 15.64
C SER B 22 10.26 -14.17 14.81
N PRO B 23 10.92 -13.05 15.03
CA PRO B 23 10.55 -12.05 16.04
C PRO B 23 9.32 -11.27 15.60
N GLN B 24 8.48 -10.85 16.55
CA GLN B 24 7.26 -10.14 16.24
C GLN B 24 7.61 -8.73 15.77
N GLU B 25 7.52 -8.53 14.45
CA GLU B 25 7.88 -7.22 13.92
C GLU B 25 7.08 -6.87 12.67
N LEU B 26 7.12 -5.57 12.33
CA LEU B 26 6.43 -5.07 11.15
C LEU B 26 7.18 -5.57 9.92
N LEU B 27 6.47 -6.20 8.99
CA LEU B 27 7.28 -6.67 7.84
C LEU B 27 7.09 -5.67 6.70
N CYS B 28 5.85 -5.29 6.48
CA CYS B 28 5.50 -4.48 5.33
C CYS B 28 4.05 -4.00 5.49
N GLY B 29 3.64 -3.12 4.59
CA GLY B 29 2.25 -2.79 4.31
C GLY B 29 1.69 -3.77 3.29
N ALA B 30 0.38 -3.67 3.10
CA ALA B 30 -0.42 -4.49 2.23
C ALA B 30 -1.85 -3.97 2.22
N SER B 31 -2.72 -4.56 1.42
CA SER B 31 -4.07 -4.06 1.24
C SER B 31 -5.08 -5.18 1.09
N LEU B 32 -6.28 -4.94 1.57
CA LEU B 32 -7.44 -5.80 1.48
C LEU B 32 -8.23 -5.49 0.21
N ILE B 33 -8.29 -6.50 -0.66
CA ILE B 33 -9.02 -6.32 -1.91
C ILE B 33 -10.28 -7.17 -1.94
N SER B 34 -10.46 -8.10 -1.01
CA SER B 34 -11.75 -8.78 -0.84
C SER B 34 -11.78 -9.41 0.56
N ASP B 35 -12.80 -10.19 0.91
CA ASP B 35 -12.83 -10.74 2.26
C ASP B 35 -11.81 -11.84 2.50
N ARG B 36 -11.10 -12.33 1.49
CA ARG B 36 -10.06 -13.34 1.63
C ARG B 36 -8.79 -13.04 0.88
N TRP B 37 -8.63 -11.89 0.22
CA TRP B 37 -7.40 -11.65 -0.53
C TRP B 37 -6.70 -10.34 -0.17
N VAL B 38 -5.39 -10.46 0.01
CA VAL B 38 -4.55 -9.32 0.36
C VAL B 38 -3.45 -9.12 -0.68
N LEU B 39 -3.24 -7.88 -1.11
CA LEU B 39 -2.25 -7.53 -2.13
C LEU B 39 -1.06 -6.84 -1.51
N THR B 40 0.17 -7.18 -1.91
CA THR B 40 1.36 -6.54 -1.36
C THR B 40 2.47 -6.56 -2.43
N ALA B 41 3.67 -6.14 -2.07
CA ALA B 41 4.80 -6.17 -3.00
C ALA B 41 5.50 -7.52 -2.92
N ALA B 42 5.89 -8.08 -4.06
CA ALA B 42 6.66 -9.34 -4.02
C ALA B 42 7.89 -9.18 -3.14
N HIS B 43 8.53 -8.00 -3.12
CA HIS B 43 9.80 -7.91 -2.40
C HIS B 43 9.59 -8.04 -0.90
N CYS B 44 8.35 -7.92 -0.45
CA CYS B 44 8.02 -8.08 0.96
C CYS B 44 8.15 -9.53 1.39
N LEU B 45 8.02 -10.43 0.40
CA LEU B 45 7.98 -11.85 0.70
C LEU B 45 9.19 -12.59 0.11
N LEU B 46 9.72 -12.13 -1.03
CA LEU B 46 10.81 -12.82 -1.72
C LEU B 46 11.87 -11.83 -2.18
N TYR B 47 13.09 -11.97 -1.68
CA TYR B 47 14.21 -11.16 -2.10
C TYR B 47 15.53 -11.88 -1.79
N PRO B 48 15.88 -12.82 -2.65
CA PRO B 48 17.06 -13.68 -2.44
C PRO B 48 18.39 -13.00 -2.20
N PRO B 49 18.73 -11.85 -2.76
CA PRO B 49 20.01 -11.23 -2.41
C PRO B 49 20.19 -10.93 -0.92
N TRP B 50 19.08 -10.90 -0.18
CA TRP B 50 19.13 -10.59 1.24
C TRP B 50 18.64 -11.80 2.04
N ASP B 51 18.61 -12.91 1.33
CA ASP B 51 18.08 -14.17 1.85
C ASP B 51 16.71 -14.00 2.50
N LYS B 52 15.82 -13.26 1.85
CA LYS B 52 14.41 -13.20 2.24
C LYS B 52 13.55 -14.13 1.41
N ASN B 53 12.82 -15.04 2.07
CA ASN B 53 11.93 -16.00 1.47
C ASN B 53 10.92 -16.56 2.48
N PHE B 54 10.03 -15.72 2.95
CA PHE B 54 9.00 -15.97 3.93
C PHE B 54 7.97 -17.00 3.47
N THR B 55 7.68 -17.96 4.33
CA THR B 55 6.65 -18.96 4.06
C THR B 55 5.34 -18.46 4.67
N GLU B 56 4.23 -19.06 4.27
CA GLU B 56 2.92 -18.70 4.81
C GLU B 56 2.96 -18.56 6.32
N ASN B 57 3.57 -19.57 6.94
CA ASN B 57 3.46 -19.77 8.37
C ASN B 57 4.41 -18.84 9.10
N ASP B 58 5.15 -18.04 8.33
CA ASP B 58 6.12 -17.16 8.96
C ASP B 58 5.46 -15.88 9.46
N LEU B 59 4.21 -15.69 9.02
CA LEU B 59 3.65 -14.38 9.35
C LEU B 59 2.14 -14.37 9.52
N LEU B 60 1.65 -13.19 9.87
CA LEU B 60 0.23 -12.91 10.02
C LEU B 60 -0.18 -11.63 9.31
N VAL B 61 -1.46 -11.52 8.92
CA VAL B 61 -1.93 -10.20 8.45
C VAL B 61 -2.81 -9.59 9.53
N ARG B 62 -2.60 -8.31 9.83
CA ARG B 62 -3.40 -7.60 10.82
C ARG B 62 -4.19 -6.48 10.17
N ILE B 63 -5.50 -6.63 10.22
CA ILE B 63 -6.44 -5.75 9.51
C ILE B 63 -7.28 -4.94 10.48
N GLY B 64 -7.55 -3.69 10.11
CA GLY B 64 -8.36 -2.79 10.90
C GLY B 64 -7.57 -1.96 11.87
N LYS B 65 -6.25 -1.84 11.69
CA LYS B 65 -5.41 -1.24 12.72
C LYS B 65 -5.26 0.26 12.50
N HIS B 66 -4.91 0.92 13.58
CA HIS B 66 -4.56 2.34 13.61
C HIS B 66 -3.24 2.52 14.34
N SER B 67 -3.21 2.06 15.58
CA SER B 67 -1.95 2.11 16.31
C SER B 67 -1.01 1.05 15.76
N ARG B 68 0.25 1.43 15.62
CA ARG B 68 1.30 0.53 15.13
C ARG B 68 1.59 -0.62 16.08
N THR B 69 1.89 -0.37 17.35
CA THR B 69 2.40 -1.42 18.24
C THR B 69 1.32 -2.10 19.08
N ARG B 70 0.19 -1.41 19.26
CA ARG B 70 -0.78 -1.92 20.22
C ARG B 70 -1.60 -3.07 19.70
N TYR B 71 -1.99 -4.00 20.57
CA TYR B 71 -3.01 -4.97 20.15
C TYR B 71 -4.39 -4.32 20.35
N GLU B 72 -5.05 -4.04 19.24
CA GLU B 72 -6.28 -3.24 19.22
C GLU B 72 -7.50 -4.16 19.34
N ARG B 73 -7.64 -4.61 20.59
CA ARG B 73 -8.69 -5.46 21.07
C ARG B 73 -10.07 -5.02 20.58
N ASN B 74 -10.84 -5.93 19.99
CA ASN B 74 -12.16 -5.62 19.50
C ASN B 74 -12.15 -4.72 18.27
N ILE B 75 -11.01 -4.44 17.67
CA ILE B 75 -11.05 -3.56 16.50
C ILE B 75 -10.31 -4.26 15.36
N GLU B 76 -9.06 -4.57 15.63
CA GLU B 76 -8.28 -5.27 14.60
C GLU B 76 -8.70 -6.73 14.54
N LYS B 77 -8.41 -7.31 13.37
CA LYS B 77 -8.57 -8.74 13.15
C LYS B 77 -7.23 -9.31 12.68
N ILE B 78 -6.80 -10.41 13.28
CA ILE B 78 -5.54 -11.02 12.84
C ILE B 78 -5.83 -12.25 12.00
N SER B 79 -5.20 -12.41 10.84
CA SER B 79 -5.51 -13.53 9.96
C SER B 79 -4.26 -14.32 9.57
N MET B 80 -4.53 -15.59 9.36
CA MET B 80 -3.49 -16.54 8.95
C MET B 80 -3.50 -16.69 7.43
N LEU B 81 -2.33 -16.99 6.89
CA LEU B 81 -2.15 -17.12 5.45
C LEU B 81 -2.44 -18.56 5.03
N GLU B 82 -3.21 -18.72 3.95
CA GLU B 82 -3.39 -20.04 3.37
C GLU B 82 -2.35 -20.25 2.27
N LYS B 83 -2.20 -19.26 1.39
CA LYS B 83 -1.23 -19.40 0.30
C LYS B 83 -0.79 -18.02 -0.19
N ILE B 84 0.50 -17.93 -0.47
CA ILE B 84 1.22 -16.84 -1.08
C ILE B 84 1.44 -17.12 -2.57
N TYR B 85 1.11 -16.16 -3.42
CA TYR B 85 1.28 -16.18 -4.86
C TYR B 85 2.14 -14.99 -5.28
N ILE B 86 3.37 -15.27 -5.72
CA ILE B 86 4.19 -14.16 -6.24
C ILE B 86 4.19 -14.16 -7.76
N HIS B 87 4.19 -12.98 -8.38
CA HIS B 87 4.27 -12.85 -9.83
C HIS B 87 5.41 -13.68 -10.40
N PRO B 88 5.15 -14.64 -11.29
CA PRO B 88 6.18 -15.55 -11.83
C PRO B 88 7.28 -14.86 -12.61
N ARG B 89 7.08 -13.70 -13.22
CA ARG B 89 8.15 -12.86 -13.75
C ARG B 89 8.52 -11.64 -12.91
N TYR B 90 8.28 -11.57 -11.61
CA TYR B 90 8.90 -10.62 -10.69
C TYR B 90 10.43 -10.66 -10.83
N ASN B 91 11.04 -9.56 -11.20
CA ASN B 91 12.45 -9.44 -11.55
C ASN B 91 13.30 -8.87 -10.42
N TRP B 92 13.55 -9.71 -9.42
CA TRP B 92 14.34 -9.28 -8.28
C TRP B 92 15.83 -9.20 -8.62
N ARG B 93 16.19 -9.80 -9.76
CA ARG B 93 17.60 -9.75 -10.15
C ARG B 93 17.98 -8.34 -10.56
N GLU B 94 17.12 -7.74 -11.39
CA GLU B 94 17.50 -6.47 -11.97
C GLU B 94 16.87 -5.27 -11.28
N ASN B 95 15.55 -5.12 -11.36
CA ASN B 95 14.95 -3.83 -10.99
C ASN B 95 13.62 -3.88 -10.27
N LEU B 96 13.23 -5.02 -9.75
CA LEU B 96 11.94 -5.22 -9.11
C LEU B 96 10.75 -5.02 -10.03
N ASP B 97 10.96 -5.27 -11.32
CA ASP B 97 9.85 -5.19 -12.26
C ASP B 97 8.79 -6.18 -11.83
N ARG B 98 7.52 -5.81 -11.92
CA ARG B 98 6.40 -6.65 -11.55
C ARG B 98 6.47 -7.00 -10.07
N ASP B 99 6.66 -5.98 -9.25
CA ASP B 99 6.78 -6.11 -7.81
C ASP B 99 5.40 -6.30 -7.20
N ILE B 100 4.84 -7.50 -7.25
CA ILE B 100 3.47 -7.75 -6.79
C ILE B 100 3.27 -9.20 -6.34
N ALA B 101 2.48 -9.38 -5.30
CA ALA B 101 2.14 -10.67 -4.74
C ALA B 101 0.75 -10.63 -4.09
N LEU B 102 0.10 -11.79 -4.15
CA LEU B 102 -1.20 -12.03 -3.53
C LEU B 102 -1.05 -12.99 -2.36
N MET B 103 -1.89 -12.81 -1.35
CA MET B 103 -2.01 -13.66 -0.18
C MET B 103 -3.48 -14.01 0.03
N LYS B 104 -3.79 -15.29 0.03
CA LYS B 104 -5.09 -15.83 0.35
C LYS B 104 -5.17 -16.14 1.84
N LEU B 105 -6.20 -15.59 2.49
CA LEU B 105 -6.36 -15.88 3.92
C LEU B 105 -7.05 -17.22 4.18
N LYS B 106 -6.72 -17.83 5.31
CA LYS B 106 -7.34 -19.12 5.64
C LYS B 106 -8.85 -19.01 5.77
N LYS B 107 -9.31 -17.91 6.37
CA LYS B 107 -10.74 -17.66 6.53
C LYS B 107 -11.11 -16.24 6.12
N PRO B 108 -12.35 -16.03 5.74
CA PRO B 108 -12.78 -14.68 5.37
C PRO B 108 -12.71 -13.70 6.54
N VAL B 109 -12.26 -12.48 6.26
CA VAL B 109 -12.26 -11.50 7.36
C VAL B 109 -13.59 -10.76 7.34
N ALA B 110 -14.14 -10.49 8.52
CA ALA B 110 -15.36 -9.73 8.67
C ALA B 110 -15.13 -8.23 8.44
N PHE B 111 -15.94 -7.69 7.56
CA PHE B 111 -15.91 -6.24 7.35
C PHE B 111 -16.60 -5.52 8.50
N SER B 112 -16.18 -4.29 8.71
CA SER B 112 -16.59 -3.51 9.86
C SER B 112 -16.31 -2.03 9.57
N ASP B 113 -16.54 -1.15 10.52
CA ASP B 113 -16.22 0.25 10.28
C ASP B 113 -14.73 0.42 9.99
N TYR B 114 -13.89 -0.49 10.46
CA TYR B 114 -12.45 -0.32 10.32
C TYR B 114 -11.83 -1.23 9.26
N ILE B 115 -12.62 -2.09 8.68
CA ILE B 115 -12.14 -3.11 7.74
C ILE B 115 -13.03 -3.19 6.52
N HIS B 116 -12.46 -2.84 5.37
CA HIS B 116 -13.21 -2.73 4.14
C HIS B 116 -12.27 -2.73 2.95
N PRO B 117 -12.64 -3.39 1.86
CA PRO B 117 -11.75 -3.54 0.72
C PRO B 117 -11.73 -2.34 -0.20
N VAL B 118 -10.57 -2.12 -0.80
CA VAL B 118 -10.37 -1.07 -1.78
C VAL B 118 -10.67 -1.63 -3.17
N CYS B 119 -11.04 -0.79 -4.14
CA CYS B 119 -11.22 -1.24 -5.49
C CYS B 119 -9.93 -1.36 -6.28
N LEU B 120 -9.97 -2.27 -7.25
CA LEU B 120 -8.88 -2.33 -8.23
C LEU B 120 -9.35 -1.64 -9.53
N PRO B 121 -8.45 -0.90 -10.17
CA PRO B 121 -8.85 -0.17 -11.36
C PRO B 121 -9.03 -1.09 -12.57
N ASP B 122 -9.97 -0.68 -13.40
CA ASP B 122 -10.11 -1.21 -14.75
C ASP B 122 -9.35 -0.29 -15.70
N ARG B 123 -9.36 -0.58 -16.99
CA ARG B 123 -8.56 0.22 -17.93
C ARG B 123 -8.87 1.70 -17.95
N GLU B 124 -10.16 2.03 -17.79
CA GLU B 124 -10.59 3.42 -17.95
C GLU B 124 -10.28 4.20 -16.67
N THR B 125 -10.28 3.47 -15.55
CA THR B 125 -9.92 4.16 -14.31
C THR B 125 -8.47 4.62 -14.41
N ALA B 126 -7.65 3.68 -14.86
CA ALA B 126 -6.22 3.92 -15.00
C ALA B 126 -5.97 5.06 -15.97
N ALA B 127 -6.63 4.93 -17.11
CA ALA B 127 -6.45 5.96 -18.14
C ALA B 127 -6.81 7.34 -17.61
N SER B 128 -7.94 7.41 -16.90
CA SER B 128 -8.43 8.66 -16.35
C SER B 128 -7.63 9.22 -15.19
N LEU B 129 -7.04 8.42 -14.31
CA LEU B 129 -6.45 8.98 -13.10
C LEU B 129 -4.92 9.00 -13.04
N LEU B 130 -4.34 8.09 -13.80
CA LEU B 130 -2.89 7.90 -13.78
C LEU B 130 -2.23 8.92 -14.70
N GLN B 131 -2.37 10.15 -14.26
CA GLN B 131 -1.92 11.35 -14.95
C GLN B 131 -0.96 12.18 -14.11
N ALA B 132 0.13 12.56 -14.76
CA ALA B 132 1.11 13.44 -14.17
C ALA B 132 0.45 14.63 -13.50
N GLY B 133 0.77 14.89 -12.24
CA GLY B 133 0.12 15.98 -11.53
C GLY B 133 -1.05 15.55 -10.67
N TYR B 134 -1.79 14.54 -11.12
CA TYR B 134 -2.85 13.97 -10.27
C TYR B 134 -2.29 13.39 -8.99
N LYS B 135 -2.92 13.65 -7.84
CA LYS B 135 -2.42 13.19 -6.55
C LYS B 135 -3.09 11.88 -6.13
N GLY B 136 -2.26 11.02 -5.55
CA GLY B 136 -2.70 9.76 -4.93
C GLY B 136 -2.33 9.83 -3.47
N ARG B 137 -2.65 8.80 -2.70
CA ARG B 137 -2.42 8.81 -1.26
C ARG B 137 -1.68 7.56 -0.80
N VAL B 138 -0.62 7.69 0.00
CA VAL B 138 0.16 6.56 0.46
C VAL B 138 0.06 6.47 1.99
N THR B 139 -0.11 5.28 2.53
CA THR B 139 -0.34 5.05 3.94
C THR B 139 0.58 3.95 4.47
N GLY B 140 1.01 4.02 5.72
CA GLY B 140 1.86 2.98 6.28
C GLY B 140 2.35 3.33 7.67
N TRP B 141 2.97 2.35 8.30
CA TRP B 141 3.55 2.44 9.63
C TRP B 141 5.07 2.45 9.56
N GLY B 142 5.60 2.68 8.37
CA GLY B 142 7.02 2.80 8.12
C GLY B 142 7.68 3.95 8.84
N ASN B 143 9.01 4.00 8.77
CA ASN B 143 9.77 5.07 9.39
C ASN B 143 9.33 6.47 8.96
N LEU B 144 9.44 7.40 9.91
CA LEU B 144 9.22 8.82 9.73
C LEU B 144 10.38 9.60 9.14
N LYS B 145 11.55 8.98 9.07
CA LYS B 145 12.78 9.55 8.56
C LYS B 145 13.68 8.48 7.95
N GLU B 146 14.42 8.89 6.93
CA GLU B 146 15.37 7.99 6.26
C GLU B 146 16.36 7.46 7.28
N THR B 147 16.81 8.33 8.19
CA THR B 147 17.68 7.87 9.26
C THR B 147 17.41 8.68 10.52
N LYS B 154 9.99 10.61 16.12
CA LYS B 154 10.78 10.95 14.93
C LYS B 154 10.98 9.71 14.05
N GLY B 155 11.55 8.62 14.49
CA GLY B 155 11.77 7.41 13.72
C GLY B 155 10.56 6.56 13.42
N GLN B 156 9.78 6.20 14.43
CA GLN B 156 8.62 5.36 14.16
C GLN B 156 7.35 6.02 14.70
N PRO B 157 6.28 5.87 13.93
CA PRO B 157 5.01 6.52 14.28
C PRO B 157 4.25 5.74 15.34
N SER B 158 3.42 6.47 16.08
CA SER B 158 2.54 5.79 17.02
C SER B 158 1.31 5.30 16.26
N VAL B 159 0.89 6.03 15.23
CA VAL B 159 -0.30 5.52 14.52
C VAL B 159 -0.07 5.62 13.01
N LEU B 160 -1.01 5.07 12.26
CA LEU B 160 -0.96 5.12 10.81
C LEU B 160 -0.77 6.51 10.23
N GLN B 161 0.16 6.64 9.28
CA GLN B 161 0.56 7.88 8.66
C GLN B 161 0.02 7.95 7.23
N VAL B 162 -0.17 9.16 6.73
CA VAL B 162 -0.82 9.37 5.45
C VAL B 162 -0.10 10.52 4.77
N VAL B 163 0.07 10.44 3.46
CA VAL B 163 0.61 11.57 2.73
C VAL B 163 0.04 11.56 1.31
N ASN B 164 -0.33 12.72 0.79
CA ASN B 164 -0.75 12.73 -0.62
C ASN B 164 0.41 13.24 -1.47
N LEU B 165 0.56 12.64 -2.64
CA LEU B 165 1.69 12.89 -3.51
C LEU B 165 1.27 12.93 -4.97
N PRO B 166 1.81 13.85 -5.74
CA PRO B 166 1.48 13.84 -7.18
C PRO B 166 2.26 12.81 -7.97
N ILE B 167 1.58 12.24 -8.96
CA ILE B 167 2.19 11.35 -9.95
C ILE B 167 3.16 12.20 -10.77
N VAL B 168 4.27 11.61 -11.19
CA VAL B 168 5.31 12.39 -11.86
C VAL B 168 5.46 11.93 -13.30
N GLU B 169 5.76 12.84 -14.22
CA GLU B 169 5.96 12.51 -15.63
C GLU B 169 7.00 11.40 -15.82
N ARG B 170 6.77 10.43 -16.70
CA ARG B 170 7.74 9.36 -16.86
C ARG B 170 9.15 9.85 -17.18
N PRO B 171 9.38 10.86 -18.00
CA PRO B 171 10.78 11.30 -18.23
C PRO B 171 11.46 11.76 -16.95
N VAL B 172 10.74 12.44 -16.07
CA VAL B 172 11.31 12.95 -14.83
C VAL B 172 11.67 11.77 -13.94
N CYS B 173 10.82 10.74 -13.97
CA CYS B 173 11.05 9.56 -13.17
C CYS B 173 12.35 8.87 -13.57
N LYS B 174 12.41 8.69 -14.89
CA LYS B 174 13.58 8.02 -15.47
C LYS B 174 14.88 8.78 -15.26
N ASP B 175 14.85 10.10 -15.38
CA ASP B 175 16.01 10.96 -15.24
C ASP B 175 16.48 11.11 -13.81
N SER B 176 15.68 10.62 -12.86
CA SER B 176 16.00 10.74 -11.45
C SER B 176 16.83 9.57 -10.92
N THR B 177 16.96 8.52 -11.72
CA THR B 177 17.60 7.28 -11.28
C THR B 177 18.45 6.64 -12.37
N ARG B 178 19.40 5.79 -11.95
CA ARG B 178 20.19 4.96 -12.85
C ARG B 178 19.46 3.64 -13.10
N ILE B 179 18.50 3.25 -12.28
CA ILE B 179 17.67 2.07 -12.48
C ILE B 179 16.82 2.15 -13.74
N ARG B 180 16.76 0.98 -14.40
CA ARG B 180 15.93 0.84 -15.59
C ARG B 180 14.44 0.78 -15.21
N ILE B 181 13.69 1.80 -15.63
CA ILE B 181 12.26 1.92 -15.32
C ILE B 181 11.42 1.19 -16.36
N THR B 182 10.35 0.51 -15.98
CA THR B 182 9.47 -0.26 -16.83
C THR B 182 8.03 0.29 -16.83
N ASP B 183 7.24 -0.15 -17.80
CA ASP B 183 5.86 0.29 -17.93
C ASP B 183 5.02 -0.23 -16.77
N ASN B 184 5.52 -1.21 -16.04
CA ASN B 184 4.90 -1.73 -14.83
C ASN B 184 5.21 -0.95 -13.56
N MET B 185 5.73 0.26 -13.69
CA MET B 185 6.12 1.14 -12.62
C MET B 185 5.66 2.56 -12.85
N PHE B 186 5.36 3.31 -11.80
CA PHE B 186 5.26 4.77 -11.96
C PHE B 186 5.92 5.38 -10.73
N CYS B 187 6.20 6.68 -10.84
CA CYS B 187 6.83 7.31 -9.67
C CYS B 187 5.96 8.48 -9.21
N ALA B 188 6.07 8.82 -7.93
CA ALA B 188 5.27 9.93 -7.43
C ALA B 188 6.03 10.69 -6.36
N GLY B 189 5.68 11.95 -6.16
CA GLY B 189 6.45 12.76 -5.22
C GLY B 189 6.57 14.17 -5.75
N TYR B 190 6.91 15.05 -4.82
CA TYR B 190 7.11 16.43 -5.21
C TYR B 190 8.55 16.66 -5.68
N LYS B 191 8.67 17.65 -6.56
CA LYS B 191 9.97 18.13 -7.03
C LYS B 191 10.53 19.12 -6.02
N PRO B 192 11.84 19.33 -6.02
CA PRO B 192 12.41 20.35 -5.12
C PRO B 192 11.75 21.71 -5.32
N ASP B 193 11.45 22.09 -6.55
CA ASP B 193 10.82 23.35 -6.91
C ASP B 193 9.41 23.53 -6.35
N GLU B 194 8.78 22.45 -5.92
CA GLU B 194 7.39 22.49 -5.47
C GLU B 194 7.31 22.79 -3.99
N GLY B 195 8.46 22.74 -3.33
CA GLY B 195 8.55 23.02 -1.91
C GLY B 195 7.93 21.99 -1.01
N LYS B 196 6.87 21.29 -1.43
CA LYS B 196 6.28 20.36 -0.45
C LYS B 196 7.08 19.04 -0.49
N ARG B 197 6.94 18.25 0.55
CA ARG B 197 7.63 17.00 0.75
C ARG B 197 6.66 15.82 1.00
N GLY B 198 7.29 14.69 1.24
CA GLY B 198 6.60 13.45 1.50
C GLY B 198 7.05 12.31 0.60
N ASP B 199 7.16 11.14 1.24
CA ASP B 199 7.57 9.89 0.66
C ASP B 199 7.19 8.75 1.60
N ALA B 200 7.09 7.56 0.99
CA ALA B 200 7.08 6.30 1.71
C ALA B 200 8.51 6.03 2.19
N CYS B 201 8.70 5.05 3.07
CA CYS B 201 10.03 4.72 3.58
C CYS B 201 9.99 3.30 4.16
N GLU B 202 11.12 2.92 4.77
CA GLU B 202 11.25 1.57 5.32
C GLU B 202 10.08 1.21 6.23
N GLY B 203 9.43 0.09 5.99
CA GLY B 203 8.22 -0.39 6.63
C GLY B 203 6.93 -0.03 5.91
N ASP B 204 6.96 0.79 4.86
CA ASP B 204 5.80 1.23 4.08
C ASP B 204 5.61 0.35 2.83
N SER B 205 6.64 -0.40 2.46
CA SER B 205 6.68 -1.31 1.36
C SER B 205 5.47 -2.24 1.32
N GLY B 206 4.89 -2.43 0.15
CA GLY B 206 3.79 -3.33 -0.09
C GLY B 206 2.45 -2.64 0.14
N GLY B 207 2.48 -1.46 0.74
CA GLY B 207 1.29 -0.71 1.08
C GLY B 207 0.73 -0.06 -0.18
N PRO B 208 -0.48 0.46 -0.08
CA PRO B 208 -1.22 1.00 -1.23
C PRO B 208 -0.97 2.48 -1.52
N PHE B 209 -1.00 2.80 -2.80
CA PHE B 209 -1.12 4.10 -3.42
C PHE B 209 -2.55 4.20 -3.97
N VAL B 210 -3.40 5.01 -3.33
CA VAL B 210 -4.81 5.06 -3.75
C VAL B 210 -5.19 6.43 -4.32
N MET B 211 -6.27 6.39 -5.08
CA MET B 211 -6.84 7.60 -5.66
C MET B 211 -8.36 7.49 -5.59
N LYS B 212 -9.01 8.63 -5.35
CA LYS B 212 -10.46 8.68 -5.21
C LYS B 212 -11.06 9.13 -6.53
N SER B 213 -11.74 8.19 -7.21
CA SER B 213 -12.32 8.60 -8.48
C SER B 213 -13.36 9.70 -8.30
N PRO B 214 -13.24 10.76 -9.10
CA PRO B 214 -14.25 11.83 -9.04
C PRO B 214 -15.52 11.50 -9.83
N PHE B 215 -15.49 10.40 -10.55
CA PHE B 215 -16.62 9.96 -11.33
C PHE B 215 -17.58 9.13 -10.49
N ASN B 216 -17.10 8.16 -9.70
CA ASN B 216 -17.99 7.37 -8.87
C ASN B 216 -17.69 7.44 -7.38
N ASN B 217 -16.78 8.33 -7.02
CA ASN B 217 -16.48 8.60 -5.62
C ASN B 217 -15.92 7.42 -4.85
N ARG B 218 -15.36 6.44 -5.54
CA ARG B 218 -14.74 5.29 -4.90
C ARG B 218 -13.22 5.35 -4.89
N TRP B 219 -12.64 4.75 -3.85
CA TRP B 219 -11.19 4.62 -3.79
C TRP B 219 -10.69 3.40 -4.56
N TYR B 220 -9.67 3.66 -5.41
CA TYR B 220 -8.95 2.75 -6.23
C TYR B 220 -7.48 2.70 -5.86
N GLN B 221 -6.99 1.45 -5.77
CA GLN B 221 -5.56 1.34 -5.60
C GLN B 221 -4.83 1.18 -6.95
N MET B 222 -4.12 2.26 -7.29
CA MET B 222 -3.42 2.36 -8.53
C MET B 222 -2.00 1.81 -8.34
N GLY B 223 -1.48 1.87 -7.11
CA GLY B 223 -0.10 1.50 -6.88
C GLY B 223 0.19 0.72 -5.62
N ILE B 224 1.35 0.09 -5.61
CA ILE B 224 1.93 -0.58 -4.48
C ILE B 224 3.32 0.00 -4.20
N VAL B 225 3.57 0.36 -2.95
CA VAL B 225 4.88 0.91 -2.57
C VAL B 225 5.94 -0.13 -2.91
N SER B 226 6.85 0.18 -3.85
CA SER B 226 7.79 -0.83 -4.32
C SER B 226 9.25 -0.49 -4.03
N TRP B 227 9.76 0.65 -4.47
CA TRP B 227 11.17 0.94 -4.15
C TRP B 227 11.43 2.43 -4.21
N GLY B 228 12.59 2.80 -3.67
CA GLY B 228 13.04 4.18 -3.83
C GLY B 228 14.49 4.25 -3.35
N GLU B 229 15.10 5.39 -3.50
CA GLU B 229 16.50 5.58 -3.09
C GLU B 229 16.57 6.56 -1.96
N GLY B 230 16.78 6.03 -0.74
CA GLY B 230 16.62 6.92 0.41
C GLY B 230 15.13 7.14 0.65
N CYS B 231 14.80 8.15 1.43
CA CYS B 231 13.40 8.52 1.62
C CYS B 231 13.27 10.02 1.65
N ASP B 232 12.39 10.56 0.81
CA ASP B 232 12.06 11.98 0.73
C ASP B 232 13.32 12.76 0.40
N ARG B 233 14.13 12.23 -0.50
CA ARG B 233 15.31 12.98 -0.92
C ARG B 233 14.92 13.94 -2.02
N ASP B 234 15.43 15.16 -1.98
CA ASP B 234 15.30 16.09 -3.09
C ASP B 234 15.82 15.40 -4.36
N GLY B 235 15.05 15.49 -5.42
CA GLY B 235 15.42 14.97 -6.72
C GLY B 235 15.14 13.49 -6.93
N LYS B 236 14.63 12.82 -5.90
CA LYS B 236 14.26 11.42 -6.02
C LYS B 236 12.76 11.24 -5.80
N TYR B 237 12.21 10.21 -6.39
CA TYR B 237 10.79 9.90 -6.36
C TYR B 237 10.53 8.49 -5.85
N GLY B 238 9.42 8.32 -5.14
CA GLY B 238 9.00 6.98 -4.77
C GLY B 238 8.50 6.24 -6.01
N PHE B 239 8.85 4.96 -6.14
CA PHE B 239 8.34 4.17 -7.25
C PHE B 239 7.33 3.13 -6.74
N TYR B 240 6.35 2.89 -7.60
CA TYR B 240 5.12 2.16 -7.34
C TYR B 240 4.86 1.17 -8.44
N THR B 241 4.54 -0.07 -8.03
CA THR B 241 4.05 -1.10 -8.93
C THR B 241 2.74 -0.62 -9.55
N HIS B 242 2.61 -0.71 -10.87
CA HIS B 242 1.42 -0.24 -11.59
C HIS B 242 0.36 -1.34 -11.59
N VAL B 243 -0.60 -1.20 -10.68
CA VAL B 243 -1.55 -2.27 -10.44
C VAL B 243 -2.33 -2.64 -11.69
N PHE B 244 -2.88 -1.66 -12.40
CA PHE B 244 -3.73 -2.01 -13.54
C PHE B 244 -2.98 -2.84 -14.58
N ARG B 245 -1.70 -2.57 -14.77
CA ARG B 245 -0.86 -3.23 -15.75
C ARG B 245 -0.72 -4.69 -15.37
N LEU B 246 -0.85 -5.01 -14.06
CA LEU B 246 -0.67 -6.42 -13.71
C LEU B 246 -2.00 -7.04 -13.29
N LYS B 247 -3.08 -6.36 -13.63
CA LYS B 247 -4.42 -6.82 -13.24
C LYS B 247 -4.78 -8.16 -13.86
N LYS B 248 -4.30 -8.44 -15.06
CA LYS B 248 -4.52 -9.70 -15.73
C LYS B 248 -4.00 -10.87 -14.89
N TRP B 249 -2.79 -10.69 -14.34
CA TRP B 249 -2.21 -11.67 -13.45
C TRP B 249 -3.02 -11.81 -12.16
N ILE B 250 -3.46 -10.65 -11.63
CA ILE B 250 -4.29 -10.69 -10.44
C ILE B 250 -5.57 -11.50 -10.65
N GLN B 251 -6.25 -11.26 -11.76
CA GLN B 251 -7.55 -11.88 -12.04
C GLN B 251 -7.39 -13.38 -12.25
N LYS B 252 -6.31 -13.72 -12.95
CA LYS B 252 -5.94 -15.09 -13.26
C LYS B 252 -5.73 -15.91 -11.99
N VAL B 253 -5.05 -15.28 -11.02
CA VAL B 253 -4.79 -15.93 -9.76
C VAL B 253 -6.07 -16.19 -8.97
N ILE B 254 -6.81 -15.11 -8.77
CA ILE B 254 -8.03 -15.23 -7.96
C ILE B 254 -9.04 -16.08 -8.70
N ASP B 255 -9.10 -16.02 -10.04
CA ASP B 255 -10.14 -16.85 -10.68
C ASP B 255 -9.80 -18.33 -10.61
N GLN B 256 -8.51 -18.63 -10.61
CA GLN B 256 -7.99 -19.99 -10.54
C GLN B 256 -7.97 -20.53 -9.12
N PHE B 257 -7.73 -19.69 -8.12
CA PHE B 257 -7.64 -20.23 -6.77
C PHE B 257 -8.66 -19.60 -5.83
N ASP C 1 8.91 -3.93 21.13
CA ASP C 1 8.02 -2.78 20.85
C ASP C 1 6.56 -3.17 20.75
N PHE C 2 6.25 -4.26 20.03
CA PHE C 2 4.86 -4.60 19.79
C PHE C 2 4.21 -5.27 20.99
N GLU C 3 2.98 -4.81 21.28
CA GLU C 3 2.21 -5.53 22.27
C GLU C 3 2.03 -6.97 21.81
N GLU C 4 2.15 -7.88 22.77
CA GLU C 4 1.93 -9.29 22.42
C GLU C 4 0.48 -9.53 22.01
N ILE C 5 0.27 -10.45 21.07
CA ILE C 5 -1.08 -10.72 20.58
C ILE C 5 -1.62 -12.00 21.19
N PRO C 6 -2.93 -12.22 21.14
CA PRO C 6 -3.52 -13.43 21.71
C PRO C 6 -2.88 -14.69 21.12
N GLU C 7 -2.51 -15.57 22.02
CA GLU C 7 -1.82 -16.81 21.67
C GLU C 7 -2.52 -17.56 20.56
N GLU C 8 -3.85 -17.45 20.48
CA GLU C 8 -4.59 -18.17 19.48
C GLU C 8 -4.07 -17.90 18.07
N TYS C 9 -3.53 -16.71 17.87
CA TYS C 9 -3.04 -16.26 16.57
CB TYS C 9 -3.11 -14.72 16.52
CG TYS C 9 -4.51 -14.17 16.66
CD1 TYS C 9 -5.57 -14.64 15.88
CD2 TYS C 9 -4.77 -13.17 17.58
CE1 TYS C 9 -6.83 -14.11 16.04
CE2 TYS C 9 -6.03 -12.64 17.73
CZ TYS C 9 -7.07 -13.13 16.96
OH TYS C 9 -8.34 -12.61 17.10
S TYS C 9 -8.51 -11.18 16.70
O1 TYS C 9 -9.85 -10.86 17.21
O2 TYS C 9 -8.71 -11.63 15.27
O3 TYS C 9 -7.53 -10.11 16.75
C TYS C 9 -1.61 -16.71 16.28
O TYS C 9 -1.18 -16.69 15.13
N LEU C 10 -0.86 -17.09 17.31
CA LEU C 10 0.49 -17.61 17.08
C LEU C 10 0.47 -19.14 16.97
N1 UIR D . 11.53 6.14 -0.77
C3 UIR D . 10.72 5.10 -0.98
C4 UIR D . 11.02 3.73 -0.71
C9 UIR D . 12.28 3.38 -0.19
C8 UIR D . 12.56 2.04 0.09
C7 UIR D . 11.63 1.04 -0.16
C10 UIR D . 11.99 -0.40 0.06
N11 UIR D . 13.06 -0.56 1.10
C12 UIR D . 12.58 -0.41 2.51
C13 UIR D . 12.81 -1.81 3.17
C14 UIR D . 12.72 -2.77 2.01
C15 UIR D . 13.52 -1.98 0.92
C16 UIR D . 13.03 -2.49 -0.46
C18 UIR D . 14.71 -4.22 -1.99
C17 UIR D . 14.22 -2.91 -1.38
C42 UIR D . 14.41 -4.73 -2.92
C41 UIR D . 13.91 -5.39 -1.46
N19 UIR D . 14.65 -1.68 -1.99
C20 UIR D . 13.78 -0.62 -1.76
O21 UIR D . 13.83 0.48 -2.35
C22 UIR D . 12.49 -1.21 -1.15
C23 UIR D . 15.94 -1.44 -2.72
C24 UIR D . 15.91 -1.66 -4.22
C25 UIR D . 16.44 -2.87 -4.71
C26 UIR D . 16.43 -3.08 -6.10
O27 UIR D . 16.92 -4.20 -6.77
C28 UIR D . 16.65 -3.89 -8.16
O29 UIR D . 16.00 -2.57 -8.28
C30 UIR D . 15.89 -2.12 -6.98
C31 UIR D . 15.36 -0.89 -6.55
C32 UIR D . 15.38 -0.70 -5.14
C6 UIR D . 10.38 1.39 -0.69
C5 UIR D . 10.08 2.72 -0.96
N2 UIR D . 9.51 5.46 -1.49
#